data_2EI9
#
_entry.id   2EI9
#
_cell.length_a   141.303
_cell.length_b   141.303
_cell.length_c   37.508
_cell.angle_alpha   90.00
_cell.angle_beta   90.00
_cell.angle_gamma   120.00
#
_symmetry.space_group_name_H-M   'P 3 2 1'
#
loop_
_entity.id
_entity.type
_entity.pdbx_description
1 polymer 'Non-LTR retrotransposon R1Bmks ORF2 protein'
2 non-polymer 'ACETIC ACID'
3 water water
#
_entity_poly.entity_id   1
_entity_poly.type   'polypeptide(L)'
_entity_poly.pdbx_seq_one_letter_code
;HMDIRPRLRIGQINLGGAEDATRELPSIARDLGLDIVLVQEQYSMVGFLAQCGAHPKAGVYIRNRVLPCAVLHHLSSTHI
TVVHIGGWDLYMVSAYFQYSDPIDPYLHRLGNILDRLRGARVVICADTNAHSPLWHSLPRHYVGRGQEVADRRAKMEDFI
GARRLVVHNADGHLPTFSTANGESYVDVTLSTRGVRVSEWRVTNESSSDHRLIVFGVGGGTTGERDEDEEARSDLRPGEP
;
_entity_poly.pdbx_strand_id   A
#
# COMPACT_ATOMS: atom_id res chain seq x y z
N PRO A 6 -15.77 -15.19 5.11
CA PRO A 6 -16.12 -14.17 6.15
C PRO A 6 -15.51 -12.82 5.80
N ARG A 7 -14.19 -12.74 5.85
CA ARG A 7 -13.48 -11.51 5.54
C ARG A 7 -12.15 -11.82 4.86
N LEU A 8 -11.73 -10.92 3.96
CA LEU A 8 -10.48 -11.10 3.26
C LEU A 8 -9.31 -10.73 4.17
N ARG A 9 -8.22 -11.46 4.06
CA ARG A 9 -7.02 -11.20 4.85
C ARG A 9 -6.04 -10.56 3.88
N ILE A 10 -5.67 -9.31 4.15
CA ILE A 10 -4.77 -8.57 3.28
C ILE A 10 -3.38 -8.30 3.85
N GLY A 11 -2.39 -8.29 2.95
CA GLY A 11 -1.03 -8.00 3.33
C GLY A 11 -0.57 -6.79 2.52
N GLN A 12 0.34 -5.99 3.08
CA GLN A 12 0.87 -4.80 2.40
C GLN A 12 2.36 -4.76 2.68
N ILE A 13 3.17 -4.72 1.64
CA ILE A 13 4.62 -4.72 1.86
C ILE A 13 5.48 -4.23 0.69
N ASN A 14 6.43 -3.37 1.02
CA ASN A 14 7.40 -2.89 0.03
C ASN A 14 8.54 -3.89 0.20
N LEU A 15 8.88 -4.58 -0.88
CA LEU A 15 9.92 -5.60 -0.85
C LEU A 15 11.36 -5.15 -1.05
N GLY A 16 11.55 -3.83 -1.19
CA GLY A 16 12.89 -3.30 -1.37
C GLY A 16 13.62 -3.77 -2.62
N GLY A 17 12.87 -4.29 -3.59
CA GLY A 17 13.46 -4.78 -4.83
C GLY A 17 14.24 -6.07 -4.68
N ALA A 18 14.21 -6.65 -3.48
CA ALA A 18 14.93 -7.88 -3.17
C ALA A 18 14.25 -9.16 -3.65
N GLU A 19 15.00 -9.99 -4.36
CA GLU A 19 14.47 -11.25 -4.85
C GLU A 19 14.08 -12.18 -3.71
N ASP A 20 14.89 -12.25 -2.66
CA ASP A 20 14.56 -13.14 -1.55
C ASP A 20 13.29 -12.73 -0.81
N ALA A 21 13.13 -11.43 -0.56
CA ALA A 21 11.94 -10.95 0.15
C ALA A 21 10.71 -11.20 -0.71
N THR A 22 10.87 -11.06 -2.02
CA THR A 22 9.76 -11.27 -2.95
C THR A 22 9.40 -12.76 -3.01
N ARG A 23 10.41 -13.61 -3.14
CA ARG A 23 10.18 -15.05 -3.21
C ARG A 23 9.69 -15.69 -1.92
N GLU A 24 9.82 -14.99 -0.80
CA GLU A 24 9.33 -15.57 0.46
C GLU A 24 7.85 -15.26 0.69
N LEU A 25 7.30 -14.37 -0.14
CA LEU A 25 5.89 -13.98 0.01
C LEU A 25 4.90 -15.11 -0.02
N PRO A 26 5.03 -16.05 -0.98
CA PRO A 26 4.08 -17.15 -1.01
C PRO A 26 4.00 -17.91 0.32
N SER A 27 5.15 -18.20 0.91
CA SER A 27 5.16 -18.93 2.19
C SER A 27 4.54 -18.08 3.30
N ILE A 28 4.85 -16.79 3.30
CA ILE A 28 4.27 -15.90 4.31
C ILE A 28 2.77 -15.86 4.15
N ALA A 29 2.30 -15.71 2.92
CA ALA A 29 0.87 -15.67 2.65
C ALA A 29 0.18 -16.95 3.12
N ARG A 30 0.83 -18.08 2.89
CA ARG A 30 0.26 -19.37 3.31
C ARG A 30 0.22 -19.45 4.84
N ASP A 31 1.35 -19.12 5.46
CA ASP A 31 1.48 -19.14 6.91
C ASP A 31 0.47 -18.27 7.64
N LEU A 32 0.33 -17.02 7.20
CA LEU A 32 -0.60 -16.09 7.82
C LEU A 32 -2.02 -16.14 7.24
N GLY A 33 -2.20 -16.96 6.22
CA GLY A 33 -3.53 -17.07 5.61
C GLY A 33 -3.94 -15.83 4.85
N LEU A 34 -2.99 -15.15 4.22
CA LEU A 34 -3.29 -13.95 3.45
C LEU A 34 -3.86 -14.31 2.08
N ASP A 35 -4.95 -13.63 1.70
CA ASP A 35 -5.59 -13.87 0.41
C ASP A 35 -4.95 -13.02 -0.69
N ILE A 36 -4.61 -11.79 -0.33
CA ILE A 36 -4.03 -10.83 -1.26
C ILE A 36 -2.96 -10.01 -0.59
N VAL A 37 -1.87 -9.76 -1.30
CA VAL A 37 -0.78 -8.95 -0.77
C VAL A 37 -0.47 -7.85 -1.78
N LEU A 38 -0.61 -6.59 -1.36
CA LEU A 38 -0.32 -5.47 -2.24
C LEU A 38 1.15 -5.11 -2.01
N VAL A 39 1.95 -5.28 -3.05
CA VAL A 39 3.38 -5.05 -2.94
C VAL A 39 3.91 -3.82 -3.69
N GLN A 40 5.08 -3.37 -3.26
CA GLN A 40 5.78 -2.26 -3.89
C GLN A 40 7.24 -2.69 -4.00
N GLU A 41 7.93 -2.17 -5.02
CA GLU A 41 9.32 -2.49 -5.25
C GLU A 41 9.58 -3.99 -5.20
N GLN A 42 8.78 -4.73 -5.95
CA GLN A 42 8.93 -6.17 -6.01
C GLN A 42 10.10 -6.50 -6.92
N TYR A 43 10.61 -7.73 -6.80
CA TYR A 43 11.64 -8.22 -7.70
C TYR A 43 10.68 -8.73 -8.78
N SER A 44 10.49 -7.93 -9.82
CA SER A 44 9.53 -8.24 -10.88
C SER A 44 9.72 -9.50 -11.73
N MET A 45 10.92 -10.08 -11.72
CA MET A 45 11.15 -11.27 -12.54
C MET A 45 10.46 -12.53 -12.07
N VAL A 46 9.71 -12.46 -10.96
CA VAL A 46 8.99 -13.61 -10.46
C VAL A 46 7.74 -13.76 -11.34
N GLY A 47 7.02 -14.87 -11.20
CA GLY A 47 5.84 -15.04 -12.04
C GLY A 47 4.49 -15.11 -11.34
N PHE A 48 4.43 -14.74 -10.07
CA PHE A 48 3.18 -14.79 -9.34
C PHE A 48 2.59 -13.41 -9.00
N LEU A 49 3.06 -12.38 -9.70
CA LEU A 49 2.60 -11.02 -9.46
C LEU A 49 1.85 -10.35 -10.61
N ALA A 50 0.74 -9.70 -10.27
CA ALA A 50 -0.03 -8.95 -11.25
C ALA A 50 0.71 -7.62 -11.23
N GLN A 51 1.32 -7.24 -12.34
CA GLN A 51 2.10 -5.99 -12.42
C GLN A 51 2.08 -5.46 -13.85
N CYS A 52 2.29 -4.16 -13.99
CA CYS A 52 2.26 -3.52 -15.32
C CYS A 52 3.56 -2.83 -15.71
N GLY A 53 3.82 -2.78 -17.02
CA GLY A 53 5.01 -2.10 -17.52
C GLY A 53 6.27 -2.93 -17.63
N ALA A 54 7.35 -2.27 -18.04
CA ALA A 54 8.64 -2.92 -18.19
C ALA A 54 9.34 -3.08 -16.85
N HIS A 55 9.24 -2.06 -16.01
CA HIS A 55 9.87 -2.09 -14.70
C HIS A 55 8.88 -1.67 -13.62
N PRO A 56 7.91 -2.53 -13.30
CA PRO A 56 6.91 -2.20 -12.28
C PRO A 56 7.49 -1.98 -10.89
N LYS A 57 6.90 -1.04 -10.16
CA LYS A 57 7.33 -0.72 -8.79
C LYS A 57 6.19 -1.04 -7.82
N ALA A 58 5.07 -1.48 -8.37
CA ALA A 58 3.92 -1.88 -7.56
C ALA A 58 3.29 -3.09 -8.22
N GLY A 59 2.64 -3.93 -7.42
CA GLY A 59 2.00 -5.11 -7.96
C GLY A 59 1.03 -5.67 -6.95
N VAL A 60 0.36 -6.75 -7.33
CA VAL A 60 -0.59 -7.41 -6.46
C VAL A 60 -0.37 -8.92 -6.55
N TYR A 61 -0.26 -9.55 -5.39
CA TYR A 61 -0.07 -11.00 -5.34
C TYR A 61 -1.37 -11.61 -4.83
N ILE A 62 -1.97 -12.47 -5.65
CA ILE A 62 -3.19 -13.15 -5.28
C ILE A 62 -2.78 -14.56 -4.90
N ARG A 63 -2.77 -14.84 -3.59
CA ARG A 63 -2.37 -16.14 -3.07
C ARG A 63 -3.22 -17.28 -3.64
N ASN A 64 -4.53 -17.08 -3.67
CA ASN A 64 -5.43 -18.10 -4.20
C ASN A 64 -5.98 -17.67 -5.55
N ARG A 65 -5.37 -18.18 -6.62
CA ARG A 65 -5.75 -17.85 -7.99
C ARG A 65 -7.23 -17.96 -8.36
N VAL A 66 -7.94 -18.92 -7.77
CA VAL A 66 -9.35 -19.11 -8.08
C VAL A 66 -10.19 -17.88 -7.72
N LEU A 67 -9.71 -17.08 -6.78
CA LEU A 67 -10.42 -15.87 -6.36
C LEU A 67 -10.60 -14.94 -7.56
N PRO A 68 -11.85 -14.63 -7.94
CA PRO A 68 -12.12 -13.74 -9.06
C PRO A 68 -11.46 -12.38 -8.84
N CYS A 69 -10.43 -12.10 -9.63
CA CYS A 69 -9.70 -10.83 -9.52
C CYS A 69 -9.42 -10.26 -10.90
N ALA A 70 -9.77 -9.00 -11.10
CA ALA A 70 -9.54 -8.34 -12.38
C ALA A 70 -8.59 -7.18 -12.21
N VAL A 71 -7.54 -7.15 -13.03
CA VAL A 71 -6.59 -6.04 -12.99
C VAL A 71 -7.13 -5.01 -13.96
N LEU A 72 -7.38 -3.80 -13.46
CA LEU A 72 -7.93 -2.75 -14.31
C LEU A 72 -6.81 -2.07 -15.08
N HIS A 73 -6.64 -2.51 -16.32
CA HIS A 73 -5.60 -2.01 -17.21
C HIS A 73 -5.63 -0.50 -17.43
N HIS A 74 -6.82 0.05 -17.62
CA HIS A 74 -6.95 1.49 -17.86
C HIS A 74 -6.65 2.34 -16.62
N LEU A 75 -6.55 1.71 -15.46
CA LEU A 75 -6.28 2.44 -14.23
C LEU A 75 -4.92 2.11 -13.62
N SER A 76 -4.24 1.13 -14.20
CA SER A 76 -2.95 0.71 -13.67
C SER A 76 -1.75 1.20 -14.46
N SER A 77 -0.60 1.20 -13.81
CA SER A 77 0.65 1.65 -14.40
C SER A 77 1.80 0.98 -13.63
N THR A 78 3.03 1.35 -13.95
CA THR A 78 4.18 0.76 -13.28
C THR A 78 4.21 0.97 -11.77
N HIS A 79 3.71 2.11 -11.29
CA HIS A 79 3.75 2.40 -9.86
C HIS A 79 2.42 2.32 -9.13
N ILE A 80 1.34 2.07 -9.85
CA ILE A 80 0.02 1.97 -9.24
C ILE A 80 -0.76 0.85 -9.91
N THR A 81 -1.03 -0.20 -9.15
CA THR A 81 -1.78 -1.36 -9.66
C THR A 81 -3.17 -1.36 -9.07
N VAL A 82 -4.19 -1.44 -9.92
CA VAL A 82 -5.56 -1.44 -9.46
C VAL A 82 -6.27 -2.74 -9.80
N VAL A 83 -6.87 -3.37 -8.78
CA VAL A 83 -7.59 -4.61 -8.99
C VAL A 83 -8.99 -4.56 -8.39
N HIS A 84 -9.88 -5.39 -8.93
CA HIS A 84 -11.24 -5.48 -8.43
C HIS A 84 -11.44 -6.92 -8.00
N ILE A 85 -11.88 -7.10 -6.76
CA ILE A 85 -12.11 -8.43 -6.23
C ILE A 85 -13.59 -8.78 -6.34
N GLY A 86 -13.90 -9.72 -7.22
CA GLY A 86 -15.28 -10.13 -7.40
C GLY A 86 -15.85 -10.79 -6.17
N GLY A 87 -17.15 -10.65 -5.97
CA GLY A 87 -17.78 -11.25 -4.81
C GLY A 87 -17.79 -10.28 -3.65
N TRP A 88 -16.60 -9.79 -3.28
CA TRP A 88 -16.49 -8.84 -2.17
C TRP A 88 -16.71 -7.42 -2.66
N ASP A 89 -16.89 -7.28 -3.97
CA ASP A 89 -17.10 -5.98 -4.60
C ASP A 89 -16.22 -4.94 -3.95
N LEU A 90 -14.92 -5.15 -4.09
CA LEU A 90 -13.93 -4.26 -3.50
C LEU A 90 -12.82 -3.98 -4.49
N TYR A 91 -12.43 -2.72 -4.61
CA TYR A 91 -11.32 -2.34 -5.48
C TYR A 91 -10.13 -2.14 -4.56
N MET A 92 -8.97 -2.64 -4.97
CA MET A 92 -7.77 -2.49 -4.17
C MET A 92 -6.66 -1.89 -5.01
N VAL A 93 -5.90 -0.99 -4.40
CA VAL A 93 -4.83 -0.31 -5.09
C VAL A 93 -3.49 -0.43 -4.38
N SER A 94 -2.47 -0.85 -5.12
CA SER A 94 -1.12 -0.95 -4.57
C SER A 94 -0.37 0.21 -5.22
N ALA A 95 0.23 1.07 -4.41
CA ALA A 95 0.94 2.22 -4.96
C ALA A 95 2.31 2.46 -4.34
N TYR A 96 3.25 2.87 -5.17
CA TYR A 96 4.59 3.18 -4.73
C TYR A 96 4.92 4.61 -5.18
N PHE A 97 5.08 5.52 -4.23
CA PHE A 97 5.41 6.91 -4.53
C PHE A 97 6.94 7.03 -4.47
N GLN A 98 7.55 7.01 -5.66
CA GLN A 98 9.01 7.07 -5.79
C GLN A 98 9.68 8.05 -4.83
N TYR A 99 10.57 7.52 -4.00
CA TYR A 99 11.33 8.30 -3.04
C TYR A 99 12.12 9.37 -3.80
N SER A 100 12.23 10.56 -3.21
CA SER A 100 12.98 11.67 -3.80
C SER A 100 12.30 12.38 -4.97
N ASP A 101 11.26 11.77 -5.55
CA ASP A 101 10.52 12.37 -6.65
C ASP A 101 9.28 13.09 -6.14
N PRO A 102 8.84 14.15 -6.84
CA PRO A 102 7.65 14.90 -6.43
C PRO A 102 6.49 13.93 -6.21
N ILE A 103 5.65 14.19 -5.22
CA ILE A 103 4.52 13.31 -4.95
C ILE A 103 3.31 13.65 -5.83
N ASP A 104 3.26 14.89 -6.29
CA ASP A 104 2.16 15.39 -7.12
C ASP A 104 1.62 14.49 -8.23
N PRO A 105 2.50 13.98 -9.11
CA PRO A 105 2.04 13.11 -10.20
C PRO A 105 1.27 11.90 -9.69
N TYR A 106 1.73 11.34 -8.57
CA TYR A 106 1.07 10.16 -8.01
C TYR A 106 -0.30 10.48 -7.46
N LEU A 107 -0.43 11.64 -6.82
CA LEU A 107 -1.71 12.04 -6.26
C LEU A 107 -2.72 12.31 -7.38
N HIS A 108 -2.25 12.91 -8.48
CA HIS A 108 -3.14 13.18 -9.61
C HIS A 108 -3.63 11.87 -10.20
N ARG A 109 -2.73 10.91 -10.30
CA ARG A 109 -3.07 9.60 -10.85
C ARG A 109 -4.10 8.93 -9.92
N LEU A 110 -3.81 8.90 -8.62
CA LEU A 110 -4.75 8.31 -7.66
C LEU A 110 -6.08 9.04 -7.68
N GLY A 111 -6.02 10.35 -7.89
CA GLY A 111 -7.25 11.13 -7.94
C GLY A 111 -8.09 10.69 -9.12
N ASN A 112 -7.45 10.50 -10.28
CA ASN A 112 -8.19 10.06 -11.46
C ASN A 112 -8.81 8.69 -11.22
N ILE A 113 -8.07 7.81 -10.56
CA ILE A 113 -8.57 6.47 -10.25
C ILE A 113 -9.81 6.55 -9.37
N LEU A 114 -9.73 7.34 -8.31
CA LEU A 114 -10.86 7.50 -7.40
C LEU A 114 -12.05 8.15 -8.09
N ASP A 115 -11.80 9.03 -9.06
CA ASP A 115 -12.88 9.67 -9.78
C ASP A 115 -13.63 8.64 -10.60
N ARG A 116 -12.90 7.74 -11.25
CA ARG A 116 -13.50 6.71 -12.07
C ARG A 116 -14.16 5.61 -11.25
N LEU A 117 -13.76 5.49 -9.98
CA LEU A 117 -14.34 4.47 -9.10
C LEU A 117 -15.27 5.12 -8.07
N ARG A 118 -15.80 6.30 -8.41
CA ARG A 118 -16.68 7.04 -7.52
C ARG A 118 -17.85 6.21 -6.99
N GLY A 119 -17.99 6.18 -5.67
CA GLY A 119 -19.08 5.44 -5.05
C GLY A 119 -18.72 4.01 -4.68
N ALA A 120 -17.59 3.51 -5.18
CA ALA A 120 -17.18 2.14 -4.89
C ALA A 120 -16.35 2.06 -3.62
N ARG A 121 -16.19 0.85 -3.11
CA ARG A 121 -15.39 0.61 -1.92
C ARG A 121 -13.96 0.41 -2.43
N VAL A 122 -13.06 1.28 -1.99
CA VAL A 122 -11.67 1.21 -2.43
C VAL A 122 -10.72 1.19 -1.23
N VAL A 123 -9.72 0.31 -1.30
CA VAL A 123 -8.69 0.22 -0.27
C VAL A 123 -7.37 0.50 -0.98
N ILE A 124 -6.59 1.42 -0.42
CA ILE A 124 -5.31 1.81 -1.00
C ILE A 124 -4.16 1.48 -0.07
N CYS A 125 -3.21 0.69 -0.55
CA CYS A 125 -2.03 0.33 0.21
C CYS A 125 -0.88 1.02 -0.50
N ALA A 126 -0.36 2.08 0.12
CA ALA A 126 0.70 2.85 -0.51
C ALA A 126 1.93 3.10 0.32
N ASP A 127 3.08 3.06 -0.33
CA ASP A 127 4.33 3.39 0.33
C ASP A 127 4.42 4.85 -0.12
N THR A 128 4.04 5.76 0.77
CA THR A 128 4.02 7.19 0.46
C THR A 128 5.36 7.90 0.59
N ASN A 129 6.30 7.27 1.29
CA ASN A 129 7.59 7.89 1.55
C ASN A 129 7.33 9.29 2.11
N ALA A 130 6.21 9.42 2.83
CA ALA A 130 5.82 10.68 3.46
C ALA A 130 5.58 10.42 4.95
N HIS A 131 5.67 11.48 5.75
CA HIS A 131 5.53 11.38 7.20
C HIS A 131 4.40 12.27 7.72
N SER A 132 3.54 11.68 8.55
CA SER A 132 2.41 12.42 9.11
C SER A 132 1.89 11.81 10.41
N PRO A 133 1.37 12.65 11.31
CA PRO A 133 0.85 12.11 12.56
C PRO A 133 -0.34 11.19 12.28
N LEU A 134 -0.93 11.32 11.08
CA LEU A 134 -2.06 10.48 10.70
C LEU A 134 -1.72 9.01 10.75
N TRP A 135 -0.50 8.67 10.31
CA TRP A 135 -0.10 7.28 10.37
C TRP A 135 0.99 7.08 11.42
N HIS A 136 0.94 7.95 12.42
CA HIS A 136 1.82 7.88 13.58
C HIS A 136 3.31 8.16 13.45
N SER A 137 3.68 8.97 12.47
CA SER A 137 5.08 9.35 12.33
C SER A 137 5.36 10.22 13.55
N LEU A 138 6.61 10.28 14.00
CA LEU A 138 6.95 11.09 15.17
C LEU A 138 7.20 12.53 14.70
N PRO A 139 7.04 13.50 15.61
CA PRO A 139 7.27 14.90 15.24
C PRO A 139 8.63 15.09 14.57
N ARG A 140 9.65 14.41 15.06
CA ARG A 140 10.98 14.54 14.47
C ARG A 140 11.08 13.96 13.06
N HIS A 141 10.02 13.29 12.61
CA HIS A 141 10.02 12.71 11.25
C HIS A 141 9.44 13.69 10.25
N TYR A 142 8.49 14.53 10.68
CA TYR A 142 7.87 15.46 9.74
C TYR A 142 8.06 16.94 10.03
N VAL A 143 8.64 17.27 11.19
CA VAL A 143 8.91 18.65 11.56
C VAL A 143 10.43 18.83 11.66
N GLY A 144 10.95 19.91 11.10
CA GLY A 144 12.38 20.14 11.18
C GLY A 144 13.22 19.22 10.31
N ARG A 145 12.62 18.68 9.26
CA ARG A 145 13.33 17.78 8.35
C ARG A 145 13.46 18.38 6.96
N GLY A 146 13.13 19.66 6.83
CA GLY A 146 13.25 20.31 5.53
C GLY A 146 11.90 20.59 4.87
N GLN A 147 11.92 21.49 3.89
CA GLN A 147 10.71 21.88 3.18
C GLN A 147 10.07 20.75 2.36
N GLU A 148 10.90 19.91 1.74
CA GLU A 148 10.36 18.82 0.94
C GLU A 148 9.53 17.86 1.78
N VAL A 149 10.07 17.45 2.92
CA VAL A 149 9.35 16.54 3.82
C VAL A 149 8.04 17.21 4.23
N ALA A 150 8.12 18.50 4.57
CA ALA A 150 6.93 19.24 5.00
C ALA A 150 5.91 19.37 3.87
N ASP A 151 6.38 19.62 2.66
CA ASP A 151 5.49 19.76 1.52
C ASP A 151 4.87 18.43 1.14
N ARG A 152 5.65 17.37 1.21
CA ARG A 152 5.15 16.04 0.87
C ARG A 152 4.04 15.68 1.85
N ARG A 153 4.27 15.93 3.13
CA ARG A 153 3.29 15.66 4.16
C ARG A 153 1.99 16.43 3.90
N ALA A 154 2.13 17.74 3.67
CA ALA A 154 0.97 18.58 3.42
C ALA A 154 0.15 18.12 2.21
N LYS A 155 0.83 17.78 1.12
CA LYS A 155 0.14 17.34 -0.09
C LYS A 155 -0.65 16.05 0.17
N MET A 156 -0.05 15.12 0.89
CA MET A 156 -0.69 13.86 1.22
C MET A 156 -1.92 14.10 2.10
N GLU A 157 -1.76 14.91 3.14
CA GLU A 157 -2.87 15.22 4.02
C GLU A 157 -3.98 15.95 3.28
N ASP A 158 -3.62 16.88 2.39
CA ASP A 158 -4.61 17.62 1.62
C ASP A 158 -5.40 16.64 0.74
N PHE A 159 -4.68 15.72 0.08
CA PHE A 159 -5.29 14.72 -0.80
C PHE A 159 -6.28 13.85 -0.01
N ILE A 160 -5.83 13.33 1.12
CA ILE A 160 -6.66 12.50 1.97
C ILE A 160 -7.92 13.23 2.37
N GLY A 161 -7.78 14.51 2.70
CA GLY A 161 -8.94 15.30 3.09
C GLY A 161 -9.88 15.55 1.92
N ALA A 162 -9.33 15.98 0.80
CA ALA A 162 -10.14 16.26 -0.38
C ALA A 162 -10.91 15.04 -0.88
N ARG A 163 -10.30 13.86 -0.76
CA ARG A 163 -10.91 12.62 -1.21
C ARG A 163 -11.71 11.92 -0.12
N ARG A 164 -11.76 12.54 1.06
CA ARG A 164 -12.48 11.98 2.19
C ARG A 164 -12.07 10.54 2.46
N LEU A 165 -10.77 10.30 2.46
CA LEU A 165 -10.24 8.95 2.70
C LEU A 165 -9.99 8.73 4.18
N VAL A 166 -10.02 7.46 4.59
CA VAL A 166 -9.78 7.08 5.96
C VAL A 166 -8.42 6.39 6.10
N VAL A 167 -7.63 6.83 7.08
CA VAL A 167 -6.32 6.22 7.33
C VAL A 167 -6.54 5.15 8.39
N HIS A 168 -6.17 3.92 8.08
CA HIS A 168 -6.38 2.82 9.03
C HIS A 168 -5.20 2.43 9.91
N ASN A 169 -4.02 3.00 9.64
CA ASN A 169 -2.85 2.68 10.45
C ASN A 169 -3.22 2.92 11.91
N ALA A 170 -2.96 1.94 12.76
CA ALA A 170 -3.31 2.06 14.18
C ALA A 170 -2.14 2.45 15.06
N ASP A 171 -2.43 3.25 16.08
CA ASP A 171 -1.42 3.71 17.01
C ASP A 171 -0.87 2.56 17.84
N GLY A 172 0.38 2.68 18.27
CA GLY A 172 0.98 1.64 19.10
C GLY A 172 1.67 0.49 18.38
N HIS A 173 1.72 0.56 17.05
CA HIS A 173 2.34 -0.50 16.28
C HIS A 173 3.77 -0.19 15.87
N LEU A 174 4.50 -1.22 15.44
CA LEU A 174 5.88 -1.07 15.00
C LEU A 174 6.01 -0.12 13.82
N PRO A 175 7.18 0.54 13.67
CA PRO A 175 7.38 1.44 12.53
C PRO A 175 7.26 0.58 11.27
N THR A 176 6.82 1.17 10.17
CA THR A 176 6.66 0.39 8.94
C THR A 176 7.94 0.31 8.11
N PHE A 177 8.94 1.11 8.47
CA PHE A 177 10.17 1.15 7.69
C PHE A 177 11.38 1.28 8.61
N SER A 178 12.30 0.31 8.53
CA SER A 178 13.49 0.32 9.36
C SER A 178 14.78 0.19 8.57
N THR A 179 15.64 1.21 8.67
CA THR A 179 16.92 1.23 7.98
C THR A 179 18.03 1.67 8.92
N ALA A 180 19.23 1.85 8.38
CA ALA A 180 20.38 2.29 9.16
C ALA A 180 20.21 3.72 9.65
N ASN A 181 19.38 4.49 8.98
CA ASN A 181 19.14 5.87 9.37
C ASN A 181 18.14 5.97 10.52
N GLY A 182 17.44 4.88 10.78
CA GLY A 182 16.45 4.87 11.85
C GLY A 182 15.13 4.28 11.41
N GLU A 183 14.11 4.38 12.26
CA GLU A 183 12.80 3.85 11.93
C GLU A 183 11.80 4.92 11.58
N SER A 184 10.91 4.61 10.64
CA SER A 184 9.91 5.58 10.21
C SER A 184 8.58 4.92 9.86
N TYR A 185 7.58 5.75 9.61
CA TYR A 185 6.24 5.30 9.27
C TYR A 185 5.87 5.96 7.94
N VAL A 186 5.97 5.20 6.84
CA VAL A 186 5.66 5.78 5.52
C VAL A 186 4.70 4.93 4.71
N ASP A 187 4.41 3.72 5.19
CA ASP A 187 3.49 2.81 4.52
C ASP A 187 2.11 3.02 5.13
N VAL A 188 1.19 3.46 4.29
CA VAL A 188 -0.16 3.79 4.72
C VAL A 188 -1.27 2.93 4.13
N THR A 189 -2.27 2.64 4.96
CA THR A 189 -3.43 1.86 4.54
C THR A 189 -4.64 2.80 4.58
N LEU A 190 -5.21 3.08 3.42
CA LEU A 190 -6.35 3.97 3.35
C LEU A 190 -7.54 3.29 2.68
N SER A 191 -8.70 3.92 2.81
CA SER A 191 -9.91 3.40 2.18
C SER A 191 -10.92 4.52 2.05
N THR A 192 -11.91 4.30 1.21
CA THR A 192 -12.98 5.26 1.03
C THR A 192 -13.85 5.10 2.28
N ARG A 193 -14.69 6.07 2.57
CA ARG A 193 -15.53 5.99 3.76
C ARG A 193 -16.50 4.82 3.66
N GLY A 194 -16.65 4.09 4.76
CA GLY A 194 -17.57 2.96 4.76
C GLY A 194 -16.91 1.60 4.82
N VAL A 195 -15.73 1.46 4.22
CA VAL A 195 -15.02 0.19 4.21
C VAL A 195 -14.53 -0.14 5.62
N ARG A 196 -14.85 -1.35 6.09
CA ARG A 196 -14.46 -1.77 7.43
C ARG A 196 -13.13 -2.52 7.40
N VAL A 197 -12.12 -1.95 8.05
CA VAL A 197 -10.81 -2.57 8.13
C VAL A 197 -10.60 -3.01 9.58
N SER A 198 -10.22 -4.26 9.78
CA SER A 198 -10.03 -4.77 11.13
C SER A 198 -8.70 -5.47 11.34
N GLU A 199 -8.32 -5.63 12.60
CA GLU A 199 -7.09 -6.31 12.97
C GLU A 199 -5.84 -5.74 12.31
N TRP A 200 -5.87 -4.48 11.92
CA TRP A 200 -4.71 -3.87 11.28
C TRP A 200 -3.50 -3.96 12.20
N ARG A 201 -2.36 -4.41 11.66
CA ARG A 201 -1.15 -4.53 12.47
C ARG A 201 0.12 -4.58 11.63
N VAL A 202 1.24 -4.24 12.26
CA VAL A 202 2.54 -4.28 11.59
C VAL A 202 3.28 -5.50 12.15
N THR A 203 3.78 -6.35 11.26
CA THR A 203 4.49 -7.57 11.66
C THR A 203 5.95 -7.60 11.23
N ASN A 204 6.67 -8.62 11.68
CA ASN A 204 8.08 -8.78 11.34
C ASN A 204 8.30 -10.01 10.46
N GLU A 205 7.25 -10.45 9.77
CA GLU A 205 7.32 -11.62 8.92
C GLU A 205 8.30 -11.49 7.74
N SER A 206 8.35 -10.30 7.14
CA SER A 206 9.21 -10.07 5.98
C SER A 206 10.67 -9.74 6.27
N SER A 207 11.55 -10.13 5.35
CA SER A 207 12.98 -9.87 5.47
C SER A 207 13.32 -8.48 4.93
N SER A 208 12.32 -7.81 4.38
CA SER A 208 12.51 -6.46 3.84
C SER A 208 12.76 -5.47 4.96
N ASP A 209 13.29 -4.29 4.63
CA ASP A 209 13.51 -3.26 5.63
C ASP A 209 12.15 -2.69 6.04
N HIS A 210 11.18 -2.82 5.14
CA HIS A 210 9.82 -2.38 5.44
C HIS A 210 9.17 -3.54 6.18
N ARG A 211 8.21 -3.24 7.05
CA ARG A 211 7.53 -4.30 7.79
C ARG A 211 6.19 -4.64 7.17
N LEU A 212 5.90 -5.92 7.06
CA LEU A 212 4.65 -6.38 6.49
C LEU A 212 3.46 -5.94 7.32
N ILE A 213 2.50 -5.28 6.66
CA ILE A 213 1.29 -4.82 7.29
C ILE A 213 0.20 -5.84 6.94
N VAL A 214 -0.63 -6.18 7.92
CA VAL A 214 -1.71 -7.14 7.70
C VAL A 214 -3.01 -6.60 8.29
N PHE A 215 -4.12 -6.87 7.61
CA PHE A 215 -5.43 -6.43 8.08
C PHE A 215 -6.52 -7.21 7.36
N GLY A 216 -7.75 -7.07 7.83
CA GLY A 216 -8.86 -7.76 7.21
C GLY A 216 -9.87 -6.77 6.67
N VAL A 217 -10.58 -7.17 5.62
CA VAL A 217 -11.60 -6.33 5.00
C VAL A 217 -12.87 -7.16 4.78
N GLY A 218 -14.02 -6.51 4.89
CA GLY A 218 -15.28 -7.22 4.71
C GLY A 218 -15.90 -7.08 3.32
N GLY A 219 -16.94 -7.87 3.08
CA GLY A 219 -17.62 -7.83 1.80
C GLY A 219 -18.53 -6.62 1.64
#